data_2W1T
#
_entry.id   2W1T
#
_cell.length_a   94.490
_cell.length_b   94.490
_cell.length_c   110.750
_cell.angle_alpha   90.00
_cell.angle_beta   90.00
_cell.angle_gamma   90.00
#
_symmetry.space_group_name_H-M   'P 43 21 2'
#
loop_
_entity.id
_entity.type
_entity.pdbx_description
1 polymer 'STAGE V SPORULATION PROTEIN T'
2 polymer 'STAGE V SPORULATION PROTEIN T'
3 water water
#
loop_
_entity_poly.entity_id
_entity_poly.type
_entity_poly.pdbx_seq_one_letter_code
_entity_poly.pdbx_strand_id
1 'polypeptide(L)'
;MKATGIVRRIDDLGRVVIPKEIRRTLRIREGDPLEIFVDRDGDVILKKYSPISELGDFAKEYADALYDSLGHSVLICDRD
VYIAVSGSSKKDYLNKSISEMLERTMDQRSSVLESDAKSVQLVNGIDEDMNSYTVGPIVANGDPIGAVVIFSKDQTMGEV
EHKAVETAAGFLARQMEQ
;
A
2 'polypeptide(L)'
;MKATGIVRRIDDLGRVVIPKEIRRTLRIREGDPLEIFVDRDGEVILKKYSPISELGDFAKEYADALYDSLGHSVLICDRD
VYIAVSGSSKKDYLNKSISEMLERTMDQRSSVLESDAKSVQLVNGIDEDMNSYTVGPIVANGDPIGAVVIFSKDQTMGEV
EHKAVETAAGFLARQMEQ
;
B
#
# COMPACT_ATOMS: atom_id res chain seq x y z
N ALA A 3 -6.31 -5.12 -7.04
CA ALA A 3 -5.44 -6.26 -7.25
C ALA A 3 -5.01 -6.45 -8.69
N THR A 4 -3.78 -6.05 -8.99
CA THR A 4 -3.19 -6.33 -10.29
C THR A 4 -2.76 -7.78 -10.23
N GLY A 5 -2.60 -8.27 -9.01
CA GLY A 5 -2.13 -9.63 -8.83
C GLY A 5 -0.87 -9.86 -9.65
N ILE A 6 0.02 -8.87 -9.64
CA ILE A 6 1.37 -9.05 -10.16
C ILE A 6 2.27 -9.25 -8.97
N VAL A 7 3.05 -10.31 -8.99
CA VAL A 7 4.01 -10.56 -7.92
C VAL A 7 5.43 -10.41 -8.44
N ARG A 8 6.25 -9.69 -7.67
CA ARG A 8 7.64 -9.52 -7.98
C ARG A 8 8.45 -9.88 -6.73
N ARG A 9 9.70 -10.31 -6.93
CA ARG A 9 10.54 -10.58 -5.78
C ARG A 9 11.40 -9.36 -5.48
N ILE A 10 11.77 -9.21 -4.22
CA ILE A 10 12.70 -8.17 -3.83
C ILE A 10 14.12 -8.75 -3.94
N ASP A 11 15.04 -7.98 -4.50
CA ASP A 11 16.39 -8.48 -4.73
C ASP A 11 17.33 -8.21 -3.58
N ASP A 12 18.55 -8.71 -3.69
CA ASP A 12 19.64 -8.26 -2.84
C ASP A 12 19.76 -6.78 -3.11
N LEU A 13 19.70 -5.98 -2.06
CA LEU A 13 19.70 -4.51 -2.15
C LEU A 13 18.31 -3.93 -1.94
N GLY A 14 17.33 -4.80 -1.69
CA GLY A 14 15.99 -4.38 -1.34
C GLY A 14 15.22 -3.73 -2.47
N ARG A 15 15.64 -4.00 -3.70
CA ARG A 15 14.99 -3.43 -4.88
C ARG A 15 13.86 -4.31 -5.41
N VAL A 16 12.66 -3.76 -5.47
CA VAL A 16 11.59 -4.42 -6.19
C VAL A 16 11.32 -3.63 -7.46
N VAL A 17 11.02 -4.35 -8.54
CA VAL A 17 10.74 -3.72 -9.81
C VAL A 17 9.24 -3.43 -9.92
N ILE A 18 8.91 -2.17 -10.17
CA ILE A 18 7.52 -1.79 -10.38
C ILE A 18 7.16 -2.04 -11.84
N PRO A 19 6.23 -2.99 -12.07
CA PRO A 19 5.93 -3.46 -13.42
C PRO A 19 5.67 -2.29 -14.37
N LYS A 20 6.11 -2.41 -15.62
CA LYS A 20 5.96 -1.32 -16.58
C LYS A 20 4.52 -0.89 -16.78
N GLU A 21 3.58 -1.83 -16.67
CA GLU A 21 2.17 -1.49 -16.73
C GLU A 21 1.93 -0.34 -15.76
N ILE A 22 2.19 -0.62 -14.48
CA ILE A 22 2.03 0.36 -13.41
C ILE A 22 2.70 1.69 -13.74
N ARG A 23 3.97 1.62 -14.14
CA ARG A 23 4.76 2.82 -14.34
C ARG A 23 4.21 3.69 -15.46
N ARG A 24 3.36 3.11 -16.30
CA ARG A 24 2.72 3.88 -17.36
C ARG A 24 1.38 4.49 -16.94
N THR A 25 0.51 3.66 -16.38
CA THR A 25 -0.75 4.15 -15.84
C THR A 25 -0.53 5.18 -14.73
N LEU A 26 0.70 5.31 -14.25
CA LEU A 26 1.03 6.30 -13.23
C LEU A 26 2.11 7.25 -13.71
N ARG A 27 2.51 7.09 -14.96
CA ARG A 27 3.56 7.92 -15.58
C ARG A 27 4.75 8.17 -14.65
N ILE A 28 5.30 7.08 -14.12
CA ILE A 28 6.52 7.15 -13.33
C ILE A 28 7.69 6.86 -14.24
N ARG A 29 8.55 7.85 -14.43
CA ARG A 29 9.70 7.71 -15.32
C ARG A 29 10.95 7.46 -14.51
N GLU A 30 11.98 6.93 -15.18
CA GLU A 30 13.27 6.69 -14.54
C GLU A 30 13.74 7.95 -13.82
N GLY A 31 14.13 7.80 -12.56
CA GLY A 31 14.61 8.91 -11.77
C GLY A 31 13.55 9.53 -10.89
N ASP A 32 12.28 9.35 -11.25
CA ASP A 32 11.20 9.90 -10.45
C ASP A 32 11.34 9.49 -8.98
N PRO A 33 11.10 10.44 -8.07
CA PRO A 33 11.15 10.19 -6.63
C PRO A 33 9.80 9.64 -6.18
N LEU A 34 9.83 8.61 -5.35
CA LEU A 34 8.61 8.06 -4.78
C LEU A 34 8.69 8.13 -3.27
N GLU A 35 7.61 8.56 -2.62
CA GLU A 35 7.60 8.55 -1.17
C GLU A 35 7.08 7.21 -0.67
N ILE A 36 7.72 6.71 0.39
CA ILE A 36 7.33 5.42 0.97
C ILE A 36 6.56 5.58 2.29
N PHE A 37 5.52 4.78 2.46
CA PHE A 37 4.78 4.71 3.71
C PHE A 37 4.64 3.25 4.12
N VAL A 38 4.51 3.01 5.42
CA VAL A 38 4.03 1.74 5.92
C VAL A 38 2.62 1.96 6.42
N ASP A 39 1.71 1.08 6.02
CA ASP A 39 0.31 1.21 6.38
C ASP A 39 0.06 0.44 7.67
N ARG A 40 -0.99 0.81 8.40
CA ARG A 40 -1.38 0.07 9.59
C ARG A 40 -1.32 -1.41 9.30
N ASP A 41 -2.05 -1.81 8.26
CA ASP A 41 -2.12 -3.21 7.83
C ASP A 41 -0.74 -3.81 7.61
N GLY A 42 0.28 -2.96 7.57
CA GLY A 42 1.64 -3.41 7.35
C GLY A 42 2.08 -3.23 5.91
N ASP A 43 1.14 -2.81 5.06
CA ASP A 43 1.43 -2.53 3.64
C ASP A 43 2.63 -1.62 3.45
N VAL A 44 3.31 -1.77 2.32
CA VAL A 44 4.17 -0.70 1.85
C VAL A 44 3.39 0.10 0.81
N ILE A 45 3.51 1.41 0.88
CA ILE A 45 2.80 2.29 -0.03
C ILE A 45 3.82 3.11 -0.80
N LEU A 46 3.64 3.19 -2.12
CA LEU A 46 4.49 4.02 -2.94
C LEU A 46 3.60 5.03 -3.63
N LYS A 47 4.03 6.30 -3.61
CA LYS A 47 3.31 7.32 -4.36
C LYS A 47 4.29 8.33 -4.98
N LYS A 48 3.95 8.86 -6.14
CA LYS A 48 4.81 9.85 -6.77
C LYS A 48 5.08 10.97 -5.76
N TYR A 49 6.31 11.44 -5.71
CA TYR A 49 6.63 12.55 -4.85
C TYR A 49 6.77 13.79 -5.71
N SER A 50 5.91 14.78 -5.49
CA SER A 50 5.98 16.01 -6.26
C SER A 50 6.43 17.18 -5.41
N PRO A 51 7.74 17.39 -5.32
CA PRO A 51 8.34 18.55 -4.69
C PRO A 51 7.56 19.81 -4.99
N ILE A 52 7.51 20.16 -6.27
CA ILE A 52 6.93 21.40 -6.71
C ILE A 52 5.48 21.55 -6.28
N SER A 53 4.78 20.45 -6.07
CA SER A 53 3.33 20.56 -5.90
C SER A 53 2.93 20.74 -4.45
N GLU A 54 3.58 20.02 -3.55
CA GLU A 54 3.28 20.24 -2.15
C GLU A 54 3.94 21.54 -1.76
N LEU A 55 4.78 22.04 -2.66
CA LEU A 55 5.25 23.42 -2.59
C LEU A 55 3.99 24.28 -2.47
N GLY A 56 2.88 23.72 -2.92
CA GLY A 56 1.56 24.28 -2.69
C GLY A 56 1.44 25.75 -2.97
N ASP A 57 1.88 26.58 -2.04
CA ASP A 57 1.68 27.99 -2.23
C ASP A 57 2.91 28.82 -2.58
N PHE A 58 4.12 28.25 -2.63
CA PHE A 58 5.13 29.11 -3.24
C PHE A 58 4.59 29.41 -4.61
N ALA A 59 4.22 28.34 -5.31
CA ALA A 59 3.83 28.45 -6.71
C ALA A 59 2.75 29.50 -6.86
N LYS A 60 1.67 29.35 -6.09
CA LYS A 60 0.56 30.29 -6.16
C LYS A 60 1.02 31.72 -5.95
N GLU A 61 1.64 31.99 -4.80
CA GLU A 61 2.18 33.32 -4.52
C GLU A 61 3.14 33.79 -5.61
N TYR A 62 4.04 32.91 -6.06
CA TYR A 62 5.02 33.33 -7.08
C TYR A 62 4.27 33.71 -8.37
N ALA A 63 3.37 32.86 -8.82
CA ALA A 63 2.65 33.10 -10.06
C ALA A 63 1.88 34.40 -9.96
N ASP A 64 1.28 34.64 -8.80
CA ASP A 64 0.54 35.87 -8.57
C ASP A 64 1.44 37.10 -8.74
N ALA A 65 2.60 37.08 -8.11
CA ALA A 65 3.53 38.20 -8.21
C ALA A 65 3.99 38.44 -9.65
N LEU A 66 4.30 37.36 -10.37
CA LEU A 66 4.75 37.50 -11.75
C LEU A 66 3.67 38.17 -12.57
N TYR A 67 2.43 37.89 -12.21
CA TYR A 67 1.30 38.43 -12.94
C TYR A 67 1.08 39.90 -12.59
N ASP A 68 1.12 40.23 -11.30
CA ASP A 68 1.01 41.62 -10.87
C ASP A 68 2.09 42.45 -11.54
N SER A 69 3.26 41.87 -11.68
CA SER A 69 4.40 42.58 -12.23
C SER A 69 4.37 42.69 -13.75
N LEU A 70 4.13 41.58 -14.45
CA LEU A 70 4.24 41.57 -15.91
C LEU A 70 2.89 41.66 -16.60
N GLY A 71 1.86 41.13 -15.99
CA GLY A 71 0.54 41.20 -16.57
C GLY A 71 0.27 40.14 -17.63
N HIS A 72 1.14 39.14 -17.71
CA HIS A 72 0.89 38.03 -18.61
C HIS A 72 0.32 36.86 -17.82
N SER A 73 -0.14 35.83 -18.53
CA SER A 73 -0.62 34.62 -17.85
C SER A 73 0.59 33.83 -17.38
N VAL A 74 0.46 33.20 -16.23
CA VAL A 74 1.57 32.49 -15.63
C VAL A 74 1.13 31.11 -15.17
N LEU A 75 1.82 30.09 -15.65
CA LEU A 75 1.56 28.72 -15.21
C LEU A 75 2.79 28.13 -14.55
N ILE A 76 2.55 27.36 -13.49
CA ILE A 76 3.61 26.58 -12.90
C ILE A 76 3.16 25.14 -12.80
N CYS A 77 3.99 24.22 -13.29
CA CYS A 77 3.63 22.81 -13.27
C CYS A 77 4.68 22.01 -12.51
N ASP A 78 4.25 20.89 -11.93
CA ASP A 78 5.21 19.88 -11.55
C ASP A 78 5.44 19.01 -12.78
N ARG A 79 5.81 17.76 -12.58
CA ARG A 79 6.12 16.92 -13.71
C ARG A 79 4.87 16.40 -14.42
N ASP A 80 3.70 16.68 -13.85
CA ASP A 80 2.46 16.10 -14.36
C ASP A 80 1.39 17.13 -14.70
N VAL A 81 1.02 17.97 -13.74
CA VAL A 81 -0.07 18.93 -13.95
C VAL A 81 0.34 20.37 -13.64
N TYR A 82 -0.56 21.31 -13.94
CA TYR A 82 -0.37 22.69 -13.52
C TYR A 82 -0.82 22.84 -12.08
N ILE A 83 0.05 23.36 -11.24
CA ILE A 83 -0.25 23.49 -9.83
C ILE A 83 -0.54 24.94 -9.43
N ALA A 84 -0.28 25.89 -10.34
CA ALA A 84 -0.60 27.30 -10.06
C ALA A 84 -0.92 28.02 -11.35
N VAL A 85 -1.94 28.87 -11.31
CA VAL A 85 -2.34 29.63 -12.49
C VAL A 85 -2.68 31.05 -12.07
N SER A 86 -2.15 32.01 -12.82
CA SER A 86 -2.45 33.43 -12.60
C SER A 86 -2.58 34.10 -13.95
N GLY A 87 -3.41 35.14 -14.02
CA GLY A 87 -3.67 35.80 -15.28
C GLY A 87 -4.80 35.08 -15.98
N SER A 88 -4.51 33.87 -16.46
CA SER A 88 -5.53 33.06 -17.08
C SER A 88 -6.44 32.44 -16.03
N SER A 89 -7.39 31.66 -16.51
CA SER A 89 -8.44 31.12 -15.67
C SER A 89 -8.03 29.78 -15.09
N LYS A 90 -8.23 29.61 -13.79
CA LYS A 90 -7.83 28.38 -13.11
C LYS A 90 -8.54 27.16 -13.67
N LYS A 91 -9.81 27.29 -14.01
CA LYS A 91 -10.61 26.16 -14.50
C LYS A 91 -9.98 25.57 -15.76
N ASP A 92 -9.26 26.40 -16.49
CA ASP A 92 -8.69 26.01 -17.77
C ASP A 92 -7.39 25.22 -17.59
N TYR A 93 -6.65 25.50 -16.52
CA TYR A 93 -5.31 24.95 -16.40
C TYR A 93 -5.03 24.17 -15.11
N LEU A 94 -5.57 24.65 -14.01
CA LEU A 94 -5.29 24.03 -12.72
C LEU A 94 -5.58 22.54 -12.76
N ASN A 95 -4.60 21.77 -12.26
CA ASN A 95 -4.68 20.30 -12.19
C ASN A 95 -4.85 19.60 -13.53
N LYS A 96 -4.56 20.30 -14.62
CA LYS A 96 -4.64 19.68 -15.93
C LYS A 96 -3.27 19.20 -16.43
N SER A 97 -3.28 18.11 -17.19
CA SER A 97 -2.06 17.47 -17.67
C SER A 97 -1.28 18.36 -18.62
N ILE A 98 -0.01 18.55 -18.31
CA ILE A 98 0.85 19.33 -19.18
C ILE A 98 0.95 18.71 -20.58
N SER A 99 1.29 19.53 -21.56
CA SER A 99 1.47 19.07 -22.93
C SER A 99 2.79 18.34 -23.11
N GLU A 100 2.98 17.73 -24.27
CA GLU A 100 4.23 17.05 -24.56
C GLU A 100 5.35 18.06 -24.73
N MET A 101 5.04 19.19 -25.36
CA MET A 101 6.00 20.28 -25.48
C MET A 101 6.61 20.65 -24.12
N LEU A 102 5.76 20.70 -23.09
CA LEU A 102 6.22 21.02 -21.75
C LEU A 102 7.17 19.95 -21.23
N GLU A 103 6.79 18.68 -21.37
CA GLU A 103 7.64 17.58 -20.93
C GLU A 103 9.04 17.63 -21.56
N ARG A 104 9.09 17.81 -22.87
CA ARG A 104 10.39 17.85 -23.56
C ARG A 104 11.20 19.08 -23.19
N THR A 105 10.54 20.23 -23.11
CA THR A 105 11.21 21.45 -22.66
C THR A 105 11.85 21.23 -21.29
N MET A 106 11.12 20.58 -20.39
CA MET A 106 11.63 20.27 -19.07
C MET A 106 12.81 19.31 -19.15
N ASP A 107 12.66 18.26 -19.94
CA ASP A 107 13.74 17.31 -20.15
C ASP A 107 14.96 18.02 -20.73
N GLN A 108 14.70 18.86 -21.74
CA GLN A 108 15.75 19.63 -22.40
C GLN A 108 16.43 20.55 -21.40
N ARG A 109 15.80 20.72 -20.23
CA ARG A 109 16.39 21.43 -19.09
C ARG A 109 16.68 22.91 -19.34
N SER A 110 16.69 23.32 -20.60
CA SER A 110 17.03 24.69 -20.92
C SER A 110 15.77 25.54 -21.11
N SER A 111 15.84 26.79 -20.70
CA SER A 111 14.72 27.71 -20.81
C SER A 111 14.51 28.09 -22.27
N VAL A 112 13.27 28.37 -22.63
CA VAL A 112 12.96 28.72 -24.01
C VAL A 112 12.19 30.04 -24.08
N LEU A 113 12.29 30.69 -25.23
CA LEU A 113 11.49 31.88 -25.50
C LEU A 113 11.04 31.82 -26.94
N GLU A 114 9.75 31.55 -27.14
CA GLU A 114 9.12 31.65 -28.44
C GLU A 114 8.32 32.96 -28.53
N SER A 115 8.86 33.91 -29.28
CA SER A 115 8.22 35.21 -29.46
C SER A 115 7.37 35.20 -30.73
N ASP A 116 7.43 34.10 -31.46
CA ASP A 116 6.61 33.90 -32.66
C ASP A 116 6.34 32.42 -32.84
N ALA A 117 5.49 32.11 -33.81
CA ALA A 117 5.03 30.74 -34.06
C ALA A 117 3.90 30.35 -33.11
N LYS A 118 2.66 30.54 -33.57
CA LYS A 118 1.46 30.28 -32.77
C LYS A 118 0.98 28.83 -32.92
N SER A 119 -0.06 28.49 -32.15
CA SER A 119 -0.70 27.16 -32.20
C SER A 119 -0.02 26.17 -31.27
N VAL A 120 0.11 26.55 -30.00
CA VAL A 120 0.82 25.72 -29.02
C VAL A 120 -0.14 24.92 -28.12
N GLN A 121 0.39 23.89 -27.47
CA GLN A 121 -0.35 23.16 -26.45
C GLN A 121 0.28 23.34 -25.09
N LEU A 122 -0.51 23.84 -24.14
CA LEU A 122 -0.07 23.95 -22.76
C LEU A 122 -0.68 22.78 -21.99
N VAL A 123 -1.93 22.50 -22.29
CA VAL A 123 -2.60 21.37 -21.68
C VAL A 123 -2.68 20.25 -22.69
N ASN A 124 -2.41 19.04 -22.25
CA ASN A 124 -2.32 17.90 -23.15
C ASN A 124 -3.53 17.76 -24.08
N GLY A 125 -3.30 17.96 -25.38
CA GLY A 125 -4.36 17.82 -26.35
C GLY A 125 -5.08 19.10 -26.73
N ILE A 126 -4.92 20.16 -25.96
CA ILE A 126 -5.56 21.43 -26.33
C ILE A 126 -4.59 22.34 -27.06
N ASP A 127 -4.94 22.69 -28.29
CA ASP A 127 -4.14 23.60 -29.08
C ASP A 127 -4.65 24.97 -28.72
N GLU A 128 -3.74 25.92 -28.59
CA GLU A 128 -4.12 27.26 -28.18
C GLU A 128 -3.54 28.32 -29.06
N ASP A 129 -4.36 29.32 -29.34
CA ASP A 129 -3.88 30.53 -29.96
C ASP A 129 -2.87 31.11 -29.02
N MET A 130 -1.75 31.57 -29.56
CA MET A 130 -0.70 32.10 -28.71
C MET A 130 0.20 33.00 -29.51
N ASN A 131 0.44 34.21 -28.99
CA ASN A 131 1.39 35.13 -29.60
C ASN A 131 2.80 34.63 -29.29
N SER A 132 3.11 34.54 -28.00
CA SER A 132 4.42 34.12 -27.54
C SER A 132 4.35 33.60 -26.13
N TYR A 133 5.33 32.79 -25.76
CA TYR A 133 5.46 32.29 -24.41
C TYR A 133 6.93 32.08 -24.11
N THR A 134 7.22 31.87 -22.83
CA THR A 134 8.57 31.49 -22.41
C THR A 134 8.47 30.49 -21.27
N VAL A 135 9.36 29.53 -21.28
CA VAL A 135 9.33 28.45 -20.30
C VAL A 135 10.65 28.30 -19.57
N GLY A 136 10.57 28.24 -18.25
CA GLY A 136 11.75 28.02 -17.44
C GLY A 136 11.61 26.74 -16.64
N PRO A 137 12.28 25.67 -17.10
CA PRO A 137 12.26 24.40 -16.37
C PRO A 137 12.84 24.53 -14.97
N ILE A 138 12.18 23.93 -13.99
CA ILE A 138 12.65 23.97 -12.62
C ILE A 138 13.47 22.73 -12.34
N VAL A 139 14.79 22.88 -12.40
CA VAL A 139 15.70 21.76 -12.26
C VAL A 139 16.42 21.76 -10.92
N ALA A 140 16.02 20.86 -10.02
CA ALA A 140 16.58 20.79 -8.68
C ALA A 140 17.38 19.51 -8.53
N ASN A 141 18.68 19.65 -8.32
CA ASN A 141 19.59 18.52 -8.26
C ASN A 141 19.69 17.86 -9.62
N GLY A 142 19.86 18.69 -10.66
CA GLY A 142 19.99 18.21 -12.03
C GLY A 142 18.73 17.56 -12.59
N ASP A 143 17.67 17.54 -11.79
CA ASP A 143 16.45 16.82 -12.13
C ASP A 143 15.27 17.78 -12.32
N PRO A 144 14.71 17.83 -13.56
CA PRO A 144 13.53 18.66 -13.85
C PRO A 144 12.33 18.18 -13.03
N ILE A 145 11.77 19.07 -12.21
CA ILE A 145 10.70 18.69 -11.29
C ILE A 145 9.47 19.54 -11.51
N GLY A 146 9.48 20.32 -12.58
CA GLY A 146 8.40 21.25 -12.85
C GLY A 146 8.83 22.29 -13.86
N ALA A 147 8.00 23.30 -14.05
CA ALA A 147 8.34 24.37 -14.98
C ALA A 147 7.52 25.58 -14.67
N VAL A 148 8.05 26.73 -15.06
CA VAL A 148 7.33 27.99 -14.97
C VAL A 148 7.08 28.48 -16.38
N VAL A 149 5.82 28.86 -16.64
CA VAL A 149 5.42 29.30 -17.96
C VAL A 149 4.77 30.69 -17.87
N ILE A 150 5.31 31.61 -18.66
CA ILE A 150 4.66 32.90 -18.91
C ILE A 150 4.22 32.99 -20.38
N PHE A 151 2.96 33.33 -20.63
CA PHE A 151 2.46 33.40 -22.00
C PHE A 151 1.50 34.55 -22.28
N SER A 152 1.32 34.86 -23.55
CA SER A 152 0.51 36.01 -23.95
C SER A 152 -0.21 35.68 -25.24
N LYS A 153 -1.52 35.90 -25.28
CA LYS A 153 -2.28 35.62 -26.50
C LYS A 153 -2.30 36.82 -27.44
N ASP A 154 -1.51 37.85 -27.11
CA ASP A 154 -1.50 39.05 -27.96
C ASP A 154 -0.33 40.00 -27.71
N GLN A 155 0.63 39.58 -26.89
CA GLN A 155 1.87 40.34 -26.72
C GLN A 155 3.09 39.46 -26.95
N THR A 156 4.22 40.07 -27.26
CA THR A 156 5.47 39.34 -27.48
C THR A 156 6.30 39.26 -26.20
N MET A 157 6.91 38.10 -25.97
CA MET A 157 7.79 37.93 -24.82
C MET A 157 9.21 38.35 -25.21
N GLY A 158 9.94 38.92 -24.25
CA GLY A 158 11.30 39.36 -24.50
C GLY A 158 12.21 38.95 -23.36
N GLU A 159 13.40 39.54 -23.32
CA GLU A 159 14.34 39.26 -22.24
C GLU A 159 13.66 39.43 -20.90
N VAL A 160 12.85 40.47 -20.77
CA VAL A 160 12.15 40.74 -19.52
C VAL A 160 11.48 39.48 -18.97
N GLU A 161 10.59 38.87 -19.75
CA GLU A 161 9.85 37.70 -19.33
C GLU A 161 10.73 36.46 -19.34
N HIS A 162 11.63 36.40 -20.31
CA HIS A 162 12.61 35.32 -20.36
C HIS A 162 13.47 35.27 -19.09
N LYS A 163 14.04 36.41 -18.69
CA LYS A 163 14.79 36.46 -17.45
C LYS A 163 13.88 36.10 -16.29
N ALA A 164 12.62 36.53 -16.36
CA ALA A 164 11.71 36.30 -15.25
C ALA A 164 11.43 34.83 -14.96
N VAL A 165 11.32 34.02 -16.02
CA VAL A 165 11.06 32.59 -15.82
C VAL A 165 12.33 31.94 -15.31
N GLU A 166 13.47 32.47 -15.74
CA GLU A 166 14.74 31.93 -15.29
C GLU A 166 14.91 32.20 -13.80
N THR A 167 14.62 33.43 -13.39
CA THR A 167 14.67 33.77 -11.98
C THR A 167 13.70 32.90 -11.21
N ALA A 168 12.49 32.73 -11.72
CA ALA A 168 11.46 31.98 -11.01
C ALA A 168 11.88 30.52 -10.85
N ALA A 169 12.29 29.92 -11.97
CA ALA A 169 12.74 28.52 -11.96
C ALA A 169 13.92 28.30 -11.01
N GLY A 170 14.86 29.22 -11.02
CA GLY A 170 16.02 29.12 -10.15
C GLY A 170 15.67 29.24 -8.68
N PHE A 171 14.85 30.23 -8.35
CA PHE A 171 14.40 30.41 -6.97
C PHE A 171 13.66 29.17 -6.49
N LEU A 172 12.64 28.77 -7.26
CA LEU A 172 11.82 27.61 -6.93
C LEU A 172 12.66 26.34 -6.80
N ALA A 173 13.57 26.12 -7.75
CA ALA A 173 14.51 24.99 -7.69
C ALA A 173 15.24 24.93 -6.36
N ARG A 174 15.89 26.03 -5.97
CA ARG A 174 16.62 26.12 -4.72
C ARG A 174 15.78 25.68 -3.53
N GLN A 175 14.51 26.02 -3.55
CA GLN A 175 13.63 25.64 -2.46
C GLN A 175 13.64 24.13 -2.28
N MET A 176 13.73 23.40 -3.39
CA MET A 176 13.66 21.94 -3.38
C MET A 176 15.05 21.32 -3.32
N GLU A 177 15.85 21.80 -2.38
CA GLU A 177 17.21 21.31 -2.21
C GLU A 177 17.67 21.43 -0.76
N GLY B 5 7.86 9.44 5.06
CA GLY B 5 8.59 10.53 4.43
C GLY B 5 9.97 10.15 3.97
N ILE B 6 10.13 8.91 3.49
CA ILE B 6 11.35 8.50 2.82
C ILE B 6 11.10 8.53 1.33
N VAL B 7 11.92 9.27 0.60
CA VAL B 7 11.80 9.31 -0.85
C VAL B 7 12.93 8.54 -1.52
N ARG B 8 12.58 7.71 -2.49
CA ARG B 8 13.54 6.98 -3.30
C ARG B 8 13.21 7.16 -4.79
N ARG B 9 14.23 7.13 -5.64
CA ARG B 9 13.98 7.29 -7.07
C ARG B 9 13.84 5.91 -7.70
N ILE B 10 13.03 5.83 -8.74
CA ILE B 10 12.91 4.61 -9.51
C ILE B 10 14.02 4.62 -10.56
N ASP B 11 14.69 3.49 -10.75
CA ASP B 11 15.82 3.44 -11.67
C ASP B 11 15.40 3.02 -13.07
N ASP B 12 16.36 3.02 -13.99
CA ASP B 12 16.19 2.34 -15.26
C ASP B 12 15.95 0.88 -14.91
N LEU B 13 14.85 0.33 -15.42
CA LEU B 13 14.41 -1.03 -15.09
C LEU B 13 13.24 -1.02 -14.10
N GLY B 14 12.82 0.17 -13.70
CA GLY B 14 11.63 0.33 -12.87
C GLY B 14 11.79 -0.17 -11.44
N ARG B 15 13.03 -0.23 -10.98
CA ARG B 15 13.34 -0.73 -9.65
C ARG B 15 13.42 0.39 -8.62
N VAL B 16 12.57 0.32 -7.60
CA VAL B 16 12.72 1.21 -6.47
C VAL B 16 13.23 0.38 -5.30
N VAL B 17 14.11 0.97 -4.52
CA VAL B 17 14.64 0.32 -3.34
C VAL B 17 13.75 0.58 -2.14
N ILE B 18 13.27 -0.49 -1.51
CA ILE B 18 12.53 -0.36 -0.28
C ILE B 18 13.49 -0.24 0.89
N PRO B 19 13.47 0.93 1.55
CA PRO B 19 14.45 1.25 2.59
C PRO B 19 14.59 0.12 3.61
N LYS B 20 15.82 -0.10 4.09
CA LYS B 20 16.07 -1.20 5.03
C LYS B 20 15.23 -1.11 6.30
N GLU B 21 14.95 0.11 6.75
CA GLU B 21 14.04 0.29 7.87
C GLU B 21 12.78 -0.51 7.63
N ILE B 22 12.06 -0.16 6.57
CA ILE B 22 10.86 -0.85 6.13
C ILE B 22 11.03 -2.36 6.10
N ARG B 23 12.09 -2.81 5.43
CA ARG B 23 12.27 -4.24 5.18
C ARG B 23 12.46 -5.01 6.48
N ARG B 24 12.80 -4.30 7.55
CA ARG B 24 12.94 -4.94 8.85
C ARG B 24 11.66 -4.95 9.66
N THR B 25 11.04 -3.78 9.82
CA THR B 25 9.73 -3.70 10.46
C THR B 25 8.66 -4.56 9.75
N LEU B 26 8.98 -5.05 8.55
CA LEU B 26 8.07 -5.92 7.82
C LEU B 26 8.71 -7.26 7.50
N ARG B 27 9.93 -7.44 8.00
CA ARG B 27 10.69 -8.67 7.79
C ARG B 27 10.62 -9.18 6.35
N ILE B 28 10.93 -8.30 5.42
CA ILE B 28 11.01 -8.68 4.02
C ILE B 28 12.47 -8.97 3.70
N ARG B 29 12.75 -10.23 3.35
CA ARG B 29 14.10 -10.66 3.07
C ARG B 29 14.32 -10.77 1.57
N GLU B 30 15.58 -10.75 1.16
CA GLU B 30 15.92 -10.91 -0.25
C GLU B 30 15.21 -12.12 -0.82
N GLY B 31 14.56 -11.92 -1.96
CA GLY B 31 13.87 -12.99 -2.64
C GLY B 31 12.38 -13.04 -2.34
N ASP B 32 11.98 -12.48 -1.21
CA ASP B 32 10.58 -12.47 -0.83
C ASP B 32 9.70 -11.92 -1.97
N PRO B 33 8.56 -12.59 -2.21
CA PRO B 33 7.61 -12.16 -3.24
C PRO B 33 6.69 -11.11 -2.67
N LEU B 34 6.45 -10.04 -3.42
CA LEU B 34 5.55 -8.99 -2.98
C LEU B 34 4.45 -8.84 -4.01
N GLU B 35 3.21 -8.77 -3.56
CA GLU B 35 2.11 -8.50 -4.49
C GLU B 35 1.89 -7.02 -4.68
N ILE B 36 1.68 -6.61 -5.93
CA ILE B 36 1.47 -5.21 -6.27
C ILE B 36 0.00 -4.87 -6.51
N PHE B 37 -0.43 -3.73 -5.99
CA PHE B 37 -1.75 -3.19 -6.29
C PHE B 37 -1.63 -1.73 -6.71
N VAL B 38 -2.58 -1.26 -7.50
CA VAL B 38 -2.78 0.16 -7.72
C VAL B 38 -4.07 0.56 -7.01
N ASP B 39 -4.08 1.72 -6.36
CA ASP B 39 -5.25 2.15 -5.59
C ASP B 39 -5.93 3.37 -6.21
N ARG B 40 -7.10 3.73 -5.68
CA ARG B 40 -7.87 4.88 -6.14
C ARG B 40 -6.97 6.08 -6.36
N ASP B 41 -6.31 6.49 -5.29
CA ASP B 41 -5.48 7.69 -5.27
C ASP B 41 -4.23 7.55 -6.13
N GLY B 42 -4.13 6.44 -6.85
CA GLY B 42 -2.95 6.18 -7.66
C GLY B 42 -1.72 5.89 -6.82
N GLU B 43 -1.92 5.14 -5.74
CA GLU B 43 -0.81 4.68 -4.94
C GLU B 43 -0.54 3.24 -5.33
N VAL B 44 0.73 2.86 -5.30
CA VAL B 44 1.09 1.46 -5.47
C VAL B 44 1.17 0.83 -4.10
N ILE B 45 0.61 -0.38 -3.97
CA ILE B 45 0.65 -1.10 -2.71
C ILE B 45 1.47 -2.37 -2.88
N LEU B 46 2.36 -2.65 -1.93
CA LEU B 46 3.11 -3.90 -1.93
C LEU B 46 2.80 -4.62 -0.64
N LYS B 47 2.45 -5.90 -0.74
CA LYS B 47 2.26 -6.71 0.45
C LYS B 47 2.86 -8.09 0.28
N LYS B 48 3.49 -8.56 1.35
CA LYS B 48 4.02 -9.91 1.38
C LYS B 48 2.97 -10.84 0.81
N TYR B 49 3.33 -11.58 -0.23
CA TYR B 49 2.39 -12.47 -0.90
C TYR B 49 2.38 -13.86 -0.26
N SER B 50 1.21 -14.24 0.25
CA SER B 50 0.94 -15.60 0.69
C SER B 50 -0.37 -16.07 0.08
N PRO B 51 -1.40 -15.20 0.10
CA PRO B 51 -1.49 -13.90 0.79
C PRO B 51 -2.42 -14.02 1.98
N ILE B 52 -2.96 -12.88 2.42
CA ILE B 52 -4.04 -12.84 3.40
C ILE B 52 -3.89 -13.77 4.61
N SER B 53 -5.01 -13.96 5.31
CA SER B 53 -5.03 -14.58 6.62
C SER B 53 -5.08 -16.09 6.60
N GLU B 54 -4.53 -16.72 7.63
CA GLU B 54 -4.64 -18.16 7.83
C GLU B 54 -4.74 -18.53 9.31
N LEU B 55 -5.54 -19.54 9.60
CA LEU B 55 -5.73 -20.01 10.97
C LEU B 55 -4.36 -20.11 11.61
N GLY B 56 -4.22 -19.52 12.80
CA GLY B 56 -2.94 -19.59 13.49
C GLY B 56 -2.39 -18.21 13.76
N ASP B 57 -3.10 -17.21 13.26
CA ASP B 57 -2.73 -15.82 13.41
C ASP B 57 -3.28 -15.23 14.72
N PHE B 58 -3.64 -16.09 15.66
CA PHE B 58 -4.81 -15.82 16.47
C PHE B 58 -5.04 -16.96 17.41
N ALA B 59 -4.82 -18.16 16.88
CA ALA B 59 -5.06 -19.38 17.62
C ALA B 59 -4.36 -19.32 18.98
N LYS B 60 -3.06 -19.04 18.98
CA LYS B 60 -2.32 -18.99 20.23
C LYS B 60 -3.01 -18.03 21.19
N GLU B 61 -3.13 -16.77 20.79
CA GLU B 61 -3.75 -15.77 21.65
C GLU B 61 -5.16 -16.15 22.09
N TYR B 62 -5.96 -16.69 21.16
CA TYR B 62 -7.31 -17.11 21.52
C TYR B 62 -7.32 -18.25 22.54
N ALA B 63 -6.52 -19.29 22.28
CA ALA B 63 -6.44 -20.41 23.20
C ALA B 63 -5.99 -19.94 24.58
N ASP B 64 -5.01 -19.03 24.61
CA ASP B 64 -4.52 -18.48 25.89
C ASP B 64 -5.63 -17.82 26.66
N ALA B 65 -6.41 -16.96 25.99
CA ALA B 65 -7.51 -16.26 26.64
C ALA B 65 -8.54 -17.23 27.18
N LEU B 66 -8.86 -18.25 26.37
CA LEU B 66 -9.87 -19.21 26.79
C LEU B 66 -9.41 -19.92 28.06
N TYR B 67 -8.11 -20.10 28.15
CA TYR B 67 -7.55 -20.75 29.31
C TYR B 67 -7.54 -19.83 30.53
N ASP B 68 -7.08 -18.60 30.36
CA ASP B 68 -7.11 -17.64 31.47
C ASP B 68 -8.52 -17.52 32.00
N SER B 69 -9.49 -17.59 31.10
CA SER B 69 -10.88 -17.37 31.48
C SER B 69 -11.53 -18.58 32.12
N LEU B 70 -11.40 -19.75 31.48
CA LEU B 70 -12.10 -20.95 31.92
C LEU B 70 -11.22 -21.91 32.71
N GLY B 71 -9.93 -21.92 32.43
CA GLY B 71 -9.01 -22.74 33.18
C GLY B 71 -8.99 -24.19 32.75
N HIS B 72 -9.59 -24.48 31.60
CA HIS B 72 -9.51 -25.82 31.04
C HIS B 72 -8.40 -25.86 29.99
N SER B 73 -8.05 -27.05 29.53
CA SER B 73 -7.13 -27.17 28.42
C SER B 73 -7.84 -26.80 27.12
N VAL B 74 -7.11 -26.15 26.23
CA VAL B 74 -7.68 -25.66 24.99
C VAL B 74 -6.78 -26.07 23.84
N LEU B 75 -7.36 -26.74 22.85
CA LEU B 75 -6.63 -27.04 21.62
C LEU B 75 -7.33 -26.39 20.44
N ILE B 76 -6.53 -25.92 19.48
CA ILE B 76 -7.05 -25.49 18.20
C ILE B 76 -6.28 -26.22 17.11
N CYS B 77 -7.01 -26.83 16.17
CA CYS B 77 -6.39 -27.53 15.06
C CYS B 77 -6.83 -26.95 13.74
N ASP B 78 -5.99 -27.10 12.74
CA ASP B 78 -6.46 -26.93 11.37
C ASP B 78 -6.98 -28.29 10.96
N ARG B 79 -6.94 -28.60 9.67
CA ARG B 79 -7.51 -29.85 9.20
C ARG B 79 -6.59 -31.04 9.43
N ASP B 80 -5.38 -30.77 9.92
CA ASP B 80 -4.38 -31.83 10.08
C ASP B 80 -3.80 -31.97 11.49
N VAL B 81 -3.24 -30.89 12.01
CA VAL B 81 -2.60 -30.94 13.33
C VAL B 81 -3.12 -29.89 14.31
N TYR B 82 -2.67 -29.98 15.56
CA TYR B 82 -2.97 -28.96 16.55
C TYR B 82 -1.98 -27.81 16.38
N ILE B 83 -2.51 -26.61 16.20
CA ILE B 83 -1.68 -25.45 15.94
C ILE B 83 -1.55 -24.53 17.15
N ALA B 84 -2.35 -24.78 18.19
CA ALA B 84 -2.26 -24.01 19.42
C ALA B 84 -2.69 -24.87 20.60
N VAL B 85 -2.01 -24.69 21.73
CA VAL B 85 -2.27 -25.46 22.92
C VAL B 85 -2.09 -24.58 24.13
N SER B 86 -3.07 -24.61 25.03
CA SER B 86 -3.02 -23.85 26.29
C SER B 86 -3.62 -24.71 27.38
N GLY B 87 -3.17 -24.51 28.60
CA GLY B 87 -3.61 -25.34 29.70
C GLY B 87 -2.75 -26.60 29.73
N SER B 88 -2.97 -27.47 28.75
CA SER B 88 -2.16 -28.67 28.64
C SER B 88 -0.76 -28.32 28.13
N SER B 89 0.05 -29.36 27.99
CA SER B 89 1.44 -29.21 27.62
C SER B 89 1.59 -29.23 26.10
N LYS B 90 2.28 -28.23 25.56
CA LYS B 90 2.52 -28.14 24.13
C LYS B 90 3.17 -29.40 23.51
N LYS B 91 4.15 -29.97 24.21
CA LYS B 91 4.88 -31.14 23.70
C LYS B 91 3.92 -32.28 23.40
N ASP B 92 2.75 -32.25 24.08
CA ASP B 92 1.81 -33.38 23.98
C ASP B 92 0.91 -33.24 22.77
N TYR B 93 0.67 -32.00 22.37
CA TYR B 93 -0.33 -31.78 21.34
C TYR B 93 0.17 -30.99 20.13
N LEU B 94 1.03 -30.00 20.36
CA LEU B 94 1.45 -29.13 19.28
C LEU B 94 1.99 -29.92 18.08
N ASN B 95 1.50 -29.59 16.90
CA ASN B 95 1.91 -30.21 15.64
C ASN B 95 1.63 -31.70 15.55
N LYS B 96 0.78 -32.22 16.43
CA LYS B 96 0.42 -33.64 16.36
C LYS B 96 -0.91 -33.87 15.61
N SER B 97 -0.99 -35.00 14.94
CA SER B 97 -2.13 -35.34 14.09
C SER B 97 -3.42 -35.52 14.86
N ILE B 98 -4.45 -34.77 14.46
CA ILE B 98 -5.75 -34.88 15.09
C ILE B 98 -6.32 -36.29 14.99
N SER B 99 -7.20 -36.64 15.93
CA SER B 99 -7.83 -37.96 15.93
C SER B 99 -8.91 -38.05 14.85
N GLU B 100 -9.43 -39.26 14.66
CA GLU B 100 -10.51 -39.44 13.70
C GLU B 100 -11.79 -38.80 14.21
N MET B 101 -12.04 -38.91 15.51
CA MET B 101 -13.16 -38.21 16.14
C MET B 101 -13.17 -36.72 15.79
N LEU B 102 -12.01 -36.09 15.79
CA LEU B 102 -11.92 -34.68 15.43
C LEU B 102 -12.32 -34.46 13.99
N GLU B 103 -11.77 -35.27 13.09
CA GLU B 103 -12.07 -35.14 11.66
C GLU B 103 -13.57 -35.24 11.39
N ARG B 104 -14.22 -36.25 11.97
CA ARG B 104 -15.66 -36.43 11.75
C ARG B 104 -16.49 -35.32 12.40
N THR B 105 -16.10 -34.91 13.60
CA THR B 105 -16.77 -33.79 14.26
C THR B 105 -16.72 -32.56 13.37
N MET B 106 -15.55 -32.32 12.77
CA MET B 106 -15.37 -31.20 11.84
C MET B 106 -16.24 -31.36 10.59
N ASP B 107 -16.22 -32.55 10.00
CA ASP B 107 -17.07 -32.84 8.85
C ASP B 107 -18.54 -32.66 9.22
N GLN B 108 -18.90 -33.17 10.39
CA GLN B 108 -20.26 -33.07 10.89
C GLN B 108 -20.64 -31.61 11.08
N ARG B 109 -19.64 -30.74 11.04
CA ARG B 109 -19.82 -29.29 11.06
C ARG B 109 -20.48 -28.73 12.32
N SER B 110 -21.12 -29.60 13.10
CA SER B 110 -21.85 -29.14 14.27
C SER B 110 -20.99 -29.26 15.52
N SER B 111 -21.15 -28.31 16.44
CA SER B 111 -20.43 -28.32 17.71
C SER B 111 -20.94 -29.42 18.62
N VAL B 112 -20.05 -29.97 19.45
CA VAL B 112 -20.44 -31.06 20.33
C VAL B 112 -20.09 -30.72 21.77
N LEU B 113 -20.80 -31.36 22.70
CA LEU B 113 -20.47 -31.29 24.12
C LEU B 113 -20.65 -32.67 24.75
N GLU B 114 -19.54 -33.32 25.08
CA GLU B 114 -19.57 -34.56 25.82
C GLU B 114 -19.19 -34.24 27.27
N SER B 115 -20.19 -34.18 28.14
CA SER B 115 -19.96 -33.80 29.53
C SER B 115 -19.81 -35.05 30.35
N ASP B 116 -19.96 -36.20 29.68
CA ASP B 116 -19.84 -37.48 30.34
C ASP B 116 -19.03 -38.45 29.49
N ALA B 117 -17.80 -38.07 29.18
CA ALA B 117 -16.86 -38.96 28.52
C ALA B 117 -16.08 -39.70 29.60
N LYS B 118 -15.44 -40.79 29.22
CA LYS B 118 -14.52 -41.46 30.12
C LYS B 118 -13.21 -41.53 29.38
N SER B 119 -13.31 -41.46 28.06
CA SER B 119 -12.18 -41.58 27.15
C SER B 119 -12.42 -40.68 25.96
N VAL B 120 -11.36 -40.43 25.20
CA VAL B 120 -11.45 -39.66 23.97
C VAL B 120 -10.10 -39.69 23.30
N GLN B 121 -10.10 -39.81 21.98
CA GLN B 121 -8.86 -39.63 21.25
C GLN B 121 -8.85 -38.21 20.72
N LEU B 122 -7.84 -37.45 21.11
CA LEU B 122 -7.65 -36.12 20.58
C LEU B 122 -6.56 -36.21 19.54
N VAL B 123 -5.55 -37.00 19.85
CA VAL B 123 -4.49 -37.23 18.89
C VAL B 123 -4.68 -38.61 18.30
N ASN B 124 -4.46 -38.71 17.00
CA ASN B 124 -4.71 -39.95 16.28
C ASN B 124 -4.01 -41.15 16.92
N GLY B 125 -4.80 -42.05 17.47
CA GLY B 125 -4.30 -43.27 18.06
C GLY B 125 -4.10 -43.23 19.56
N ILE B 126 -4.11 -42.05 20.15
CA ILE B 126 -3.95 -41.96 21.59
C ILE B 126 -5.30 -41.85 22.28
N ASP B 127 -5.63 -42.85 23.08
CA ASP B 127 -6.82 -42.81 23.90
C ASP B 127 -6.45 -42.08 25.15
N GLU B 128 -7.35 -41.24 25.64
CA GLU B 128 -7.06 -40.42 26.80
C GLU B 128 -8.18 -40.47 27.79
N ASP B 129 -7.78 -40.51 29.06
CA ASP B 129 -8.70 -40.31 30.14
C ASP B 129 -9.30 -38.93 29.93
N MET B 130 -10.61 -38.82 30.10
CA MET B 130 -11.27 -37.54 29.91
C MET B 130 -12.58 -37.50 30.66
N ASN B 131 -12.79 -36.44 31.43
CA ASN B 131 -14.06 -36.23 32.11
C ASN B 131 -15.08 -35.75 31.08
N SER B 132 -14.76 -34.64 30.43
CA SER B 132 -15.64 -34.06 29.44
C SER B 132 -14.85 -33.14 28.52
N TYR B 133 -15.44 -32.87 27.36
CA TYR B 133 -14.84 -31.96 26.41
C TYR B 133 -15.96 -31.34 25.59
N THR B 134 -15.65 -30.27 24.87
CA THR B 134 -16.57 -29.70 23.90
C THR B 134 -15.79 -29.24 22.68
N VAL B 135 -16.37 -29.45 21.50
CA VAL B 135 -15.71 -29.12 20.25
C VAL B 135 -16.53 -28.15 19.40
N GLY B 136 -15.87 -27.10 18.93
CA GLY B 136 -16.51 -26.16 18.05
C GLY B 136 -15.81 -26.16 16.71
N PRO B 137 -16.42 -26.79 15.69
CA PRO B 137 -15.82 -26.79 14.35
C PRO B 137 -15.75 -25.39 13.78
N ILE B 138 -14.63 -25.08 13.13
CA ILE B 138 -14.44 -23.77 12.52
C ILE B 138 -14.80 -23.86 11.05
N VAL B 139 -16.02 -23.44 10.72
CA VAL B 139 -16.55 -23.56 9.37
C VAL B 139 -16.60 -22.21 8.66
N ALA B 140 -15.69 -22.00 7.72
CA ALA B 140 -15.60 -20.74 6.99
C ALA B 140 -15.98 -20.95 5.55
N ASN B 141 -17.06 -20.30 5.13
CA ASN B 141 -17.62 -20.50 3.80
C ASN B 141 -18.16 -21.92 3.68
N GLY B 142 -18.94 -22.34 4.68
CA GLY B 142 -19.55 -23.65 4.69
C GLY B 142 -18.56 -24.80 4.75
N ASP B 143 -17.28 -24.47 4.83
CA ASP B 143 -16.22 -25.47 4.78
C ASP B 143 -15.44 -25.56 6.10
N PRO B 144 -15.49 -26.74 6.78
CA PRO B 144 -14.73 -26.94 8.03
C PRO B 144 -13.23 -26.88 7.78
N ILE B 145 -12.55 -25.95 8.44
CA ILE B 145 -11.13 -25.71 8.19
C ILE B 145 -10.31 -25.86 9.46
N GLY B 146 -10.94 -26.37 10.51
CA GLY B 146 -10.27 -26.51 11.77
C GLY B 146 -11.29 -26.74 12.87
N ALA B 147 -10.83 -26.71 14.11
CA ALA B 147 -11.72 -26.89 15.24
C ALA B 147 -11.11 -26.29 16.49
N VAL B 148 -11.98 -25.89 17.42
CA VAL B 148 -11.56 -25.49 18.75
C VAL B 148 -12.02 -26.53 19.77
N VAL B 149 -11.11 -26.94 20.64
CA VAL B 149 -11.39 -27.98 21.61
C VAL B 149 -11.05 -27.51 23.02
N ILE B 150 -12.02 -27.63 23.91
CA ILE B 150 -11.81 -27.37 25.33
C ILE B 150 -12.10 -28.68 26.05
N PHE B 151 -11.18 -29.10 26.91
CA PHE B 151 -11.36 -30.37 27.61
C PHE B 151 -10.85 -30.37 29.04
N SER B 152 -11.30 -31.36 29.81
CA SER B 152 -11.00 -31.42 31.23
C SER B 152 -10.86 -32.87 31.65
N LYS B 153 -9.77 -33.21 32.30
CA LYS B 153 -9.59 -34.58 32.78
C LYS B 153 -10.22 -34.81 34.15
N ASP B 154 -10.94 -33.83 34.66
CA ASP B 154 -11.57 -33.97 35.98
C ASP B 154 -12.67 -32.97 36.30
N GLN B 155 -13.10 -32.18 35.31
CA GLN B 155 -14.25 -31.30 35.48
C GLN B 155 -15.25 -31.55 34.36
N THR B 156 -16.49 -31.15 34.58
CA THR B 156 -17.54 -31.28 33.56
C THR B 156 -17.71 -29.99 32.76
N MET B 157 -17.94 -30.13 31.46
CA MET B 157 -18.18 -28.98 30.61
C MET B 157 -19.68 -28.70 30.60
N GLY B 158 -20.03 -27.41 30.50
CA GLY B 158 -21.42 -27.01 30.45
C GLY B 158 -21.64 -25.96 29.39
N GLU B 159 -22.79 -25.29 29.44
CA GLU B 159 -23.08 -24.21 28.50
C GLU B 159 -21.94 -23.20 28.43
N VAL B 160 -21.38 -22.88 29.59
CA VAL B 160 -20.24 -21.96 29.65
C VAL B 160 -19.18 -22.27 28.59
N GLU B 161 -18.64 -23.48 28.65
CA GLU B 161 -17.56 -23.88 27.74
C GLU B 161 -18.11 -24.18 26.36
N HIS B 162 -19.32 -24.70 26.32
CA HIS B 162 -19.97 -25.00 25.04
C HIS B 162 -20.19 -23.71 24.24
N LYS B 163 -20.73 -22.69 24.89
CA LYS B 163 -20.86 -21.38 24.24
C LYS B 163 -19.48 -20.85 23.86
N ALA B 164 -18.50 -21.06 24.74
CA ALA B 164 -17.14 -20.56 24.49
C ALA B 164 -16.51 -21.08 23.21
N VAL B 165 -16.69 -22.38 22.91
CA VAL B 165 -16.11 -22.93 21.68
C VAL B 165 -16.88 -22.42 20.49
N GLU B 166 -18.18 -22.17 20.68
CA GLU B 166 -19.00 -21.66 19.59
C GLU B 166 -18.57 -20.26 19.25
N THR B 167 -18.35 -19.44 20.27
CA THR B 167 -17.88 -18.09 20.06
C THR B 167 -16.53 -18.13 19.39
N ALA B 168 -15.64 -19.00 19.87
CA ALA B 168 -14.28 -19.05 19.33
C ALA B 168 -14.30 -19.51 17.87
N ALA B 169 -14.98 -20.61 17.59
CA ALA B 169 -15.14 -21.11 16.22
C ALA B 169 -15.73 -20.08 15.25
N GLY B 170 -16.74 -19.35 15.71
CA GLY B 170 -17.39 -18.32 14.90
C GLY B 170 -16.48 -17.12 14.63
N PHE B 171 -15.81 -16.63 15.66
CA PHE B 171 -14.86 -15.56 15.48
C PHE B 171 -13.75 -15.99 14.51
N LEU B 172 -13.12 -17.12 14.81
CA LEU B 172 -11.99 -17.60 14.00
C LEU B 172 -12.40 -17.86 12.55
N ALA B 173 -13.58 -18.45 12.37
CA ALA B 173 -14.17 -18.63 11.05
C ALA B 173 -14.23 -17.32 10.27
N ARG B 174 -14.85 -16.30 10.86
CA ARG B 174 -14.96 -14.99 10.22
C ARG B 174 -13.62 -14.48 9.72
N GLN B 175 -12.57 -14.71 10.49
CA GLN B 175 -11.25 -14.24 10.11
C GLN B 175 -10.86 -14.79 8.74
N MET B 176 -11.29 -16.03 8.48
CA MET B 176 -10.96 -16.71 7.23
C MET B 176 -12.03 -16.50 6.16
N GLU B 177 -12.42 -15.25 5.94
CA GLU B 177 -13.44 -14.93 4.95
C GLU B 177 -13.24 -13.53 4.40
#